data_6TYN
#
_entry.id   6TYN
#
_cell.length_a   68.675
_cell.length_b   97.747
_cell.length_c   101.452
_cell.angle_alpha   90.00
_cell.angle_beta   90.00
_cell.angle_gamma   90.00
#
_symmetry.space_group_name_H-M   'P 21 21 21'
#
loop_
_entity.id
_entity.type
_entity.pdbx_description
1 polymer 'Pertussis like toxin subunit B'
2 branched '9-O-acetyl-5-acetamido-3,5-dideoxy-D-glycero-alpha-D-galacto-non-2-ulopyranosonic acid-(2-3)-beta-D-galactopyranose-(1-4)-2-acetamido-2-deoxy-beta-D-glucopyranose'
3 water water
#
_entity_poly.entity_id   1
_entity_poly.type   'polypeptide(L)'
_entity_poly.pdbx_seq_one_letter_code
;EWTGDNTNAYYSDEVISELHVGQIDTSPYFCIKTVKANGSGTPVVACAVSKQSIWAPSFKELLDQARYFYSTGQSVRIHV
QKNIWTYPLFVNTFSANALVGLSSCSATQCFGPK
;
_entity_poly.pdbx_strand_id   A,B,C,D,E
#
# COMPACT_ATOMS: atom_id res chain seq x y z
N GLU A 1 20.52 -2.29 20.78
CA GLU A 1 20.36 -3.34 19.79
C GLU A 1 20.31 -2.78 18.37
N TRP A 2 20.72 -3.62 17.42
CA TRP A 2 20.84 -3.22 16.04
C TRP A 2 20.84 -4.47 15.18
N THR A 3 20.20 -4.40 14.01
CA THR A 3 20.20 -5.46 13.01
C THR A 3 21.61 -6.04 12.80
N GLY A 4 22.63 -5.17 12.82
CA GLY A 4 23.98 -5.59 12.47
C GLY A 4 24.87 -5.90 13.66
N ASP A 5 24.27 -6.12 14.83
CA ASP A 5 25.04 -6.63 15.96
C ASP A 5 25.67 -7.97 15.60
N ASN A 6 26.94 -8.15 15.94
CA ASN A 6 27.58 -9.40 15.52
C ASN A 6 27.04 -10.60 16.30
N THR A 7 26.19 -10.37 17.30
CA THR A 7 25.37 -11.42 17.94
C THR A 7 24.18 -11.85 17.08
N ASN A 8 24.02 -11.27 15.90
CA ASN A 8 23.02 -11.74 14.96
C ASN A 8 23.71 -12.45 13.80
N ALA A 9 22.89 -13.08 12.96
CA ALA A 9 23.37 -13.94 11.89
C ALA A 9 22.70 -13.56 10.59
N TYR A 10 23.46 -13.64 9.49
CA TYR A 10 23.00 -13.18 8.20
C TYR A 10 23.52 -14.10 7.11
N TYR A 11 22.77 -14.14 6.00
CA TYR A 11 23.11 -14.95 4.83
C TYR A 11 22.84 -14.13 3.59
N SER A 12 23.85 -13.98 2.75
CA SER A 12 23.85 -13.08 1.60
C SER A 12 23.50 -13.83 0.33
N ASP A 13 23.11 -13.08 -0.69
CA ASP A 13 22.76 -13.62 -2.00
C ASP A 13 21.67 -14.68 -1.91
N GLU A 14 20.65 -14.39 -1.12
CA GLU A 14 19.49 -15.25 -0.98
C GLU A 14 18.29 -14.63 -1.70
N VAL A 15 17.35 -15.50 -2.08
CA VAL A 15 16.09 -15.11 -2.71
C VAL A 15 14.95 -15.52 -1.78
N ILE A 16 13.97 -14.65 -1.59
CA ILE A 16 12.83 -14.96 -0.73
C ILE A 16 11.92 -15.90 -1.52
N SER A 17 11.90 -17.16 -1.12
CA SER A 17 11.26 -18.24 -1.85
C SER A 17 9.80 -18.47 -1.44
N GLU A 18 9.46 -18.25 -0.18
CA GLU A 18 8.11 -18.47 0.31
C GLU A 18 7.74 -17.41 1.34
N LEU A 19 6.46 -17.07 1.36
CA LEU A 19 5.87 -16.13 2.31
C LEU A 19 4.62 -16.74 2.94
N HIS A 20 4.48 -16.55 4.26
CA HIS A 20 3.32 -17.01 5.02
C HIS A 20 2.92 -15.93 6.00
N VAL A 21 1.60 -15.68 6.10
CA VAL A 21 1.00 -14.79 7.08
C VAL A 21 0.03 -15.59 7.94
N GLY A 22 -0.06 -15.22 9.22
CA GLY A 22 -0.93 -15.90 10.15
C GLY A 22 -1.06 -15.11 11.44
N GLN A 23 -1.63 -15.76 12.45
CA GLN A 23 -1.79 -15.15 13.76
C GLN A 23 -1.48 -16.15 14.86
N ILE A 24 -0.97 -15.64 15.97
CA ILE A 24 -0.67 -16.46 17.14
C ILE A 24 -0.73 -15.57 18.39
N ASP A 25 -1.47 -16.03 19.40
CA ASP A 25 -1.61 -15.34 20.68
C ASP A 25 -2.00 -13.88 20.52
N THR A 26 -3.06 -13.64 19.75
CA THR A 26 -3.60 -12.31 19.43
C THR A 26 -2.68 -11.47 18.54
N SER A 27 -1.59 -12.04 18.03
CA SER A 27 -0.61 -11.25 17.31
C SER A 27 -0.49 -11.72 15.86
N PRO A 28 -0.75 -10.85 14.87
CA PRO A 28 -0.34 -11.17 13.51
C PRO A 28 1.15 -11.49 13.45
N TYR A 29 1.51 -12.47 12.64
CA TYR A 29 2.89 -12.79 12.36
C TYR A 29 3.02 -13.16 10.88
N PHE A 30 4.28 -13.25 10.45
CA PHE A 30 4.59 -13.74 9.12
C PHE A 30 5.94 -14.42 9.17
N CYS A 31 6.18 -15.28 8.18
CA CYS A 31 7.45 -15.99 8.06
C CYS A 31 7.87 -16.01 6.60
N ILE A 32 9.17 -16.13 6.37
CA ILE A 32 9.72 -16.27 5.02
C ILE A 32 10.74 -17.42 5.00
N LYS A 33 10.90 -17.99 3.82
CA LYS A 33 11.98 -18.94 3.56
C LYS A 33 12.86 -18.35 2.48
N THR A 34 14.17 -18.47 2.67
CA THR A 34 15.14 -17.94 1.72
C THR A 34 16.10 -19.05 1.34
N VAL A 35 16.40 -19.11 0.05
CA VAL A 35 17.35 -20.05 -0.53
C VAL A 35 18.43 -19.27 -1.26
N LYS A 36 19.65 -19.81 -1.28
CA LYS A 36 20.72 -19.22 -2.07
C LYS A 36 20.27 -19.08 -3.51
N ALA A 37 20.59 -17.94 -4.11
CA ALA A 37 20.29 -17.77 -5.53
C ALA A 37 21.04 -18.77 -6.40
N ASN A 38 22.19 -19.28 -5.94
CA ASN A 38 22.92 -20.26 -6.75
C ASN A 38 22.45 -21.68 -6.51
N GLY A 39 21.47 -21.88 -5.63
CA GLY A 39 20.96 -23.18 -5.27
C GLY A 39 21.71 -23.86 -4.13
N SER A 40 22.90 -23.35 -3.79
CA SER A 40 23.72 -23.98 -2.77
C SER A 40 23.06 -23.83 -1.40
N GLY A 41 23.67 -24.44 -0.39
CA GLY A 41 23.30 -24.21 0.99
C GLY A 41 21.93 -24.76 1.35
N THR A 42 21.51 -24.46 2.62
CA THR A 42 20.25 -24.87 3.24
C THR A 42 19.35 -23.65 3.48
N PRO A 43 18.02 -23.74 3.14
CA PRO A 43 17.08 -22.65 3.42
C PRO A 43 17.26 -21.97 4.77
N VAL A 44 16.82 -20.73 4.85
CA VAL A 44 16.68 -20.07 6.14
C VAL A 44 15.23 -19.62 6.31
N VAL A 45 14.66 -19.95 7.45
CA VAL A 45 13.31 -19.58 7.83
C VAL A 45 13.41 -18.57 8.97
N ALA A 46 12.69 -17.46 8.83
CA ALA A 46 12.72 -16.37 9.79
C ALA A 46 11.30 -15.85 9.95
N CYS A 47 10.97 -15.36 11.14
CA CYS A 47 9.60 -14.94 11.40
C CYS A 47 9.62 -13.66 12.21
N ALA A 48 8.55 -12.88 12.09
CA ALA A 48 8.34 -11.71 12.92
C ALA A 48 6.95 -11.79 13.53
N VAL A 49 6.85 -11.56 14.84
CA VAL A 49 5.58 -11.65 15.59
C VAL A 49 5.27 -10.27 16.13
N SER A 50 4.12 -9.71 15.75
CA SER A 50 3.96 -8.27 15.87
C SER A 50 3.95 -7.78 17.31
N LYS A 51 3.68 -8.64 18.28
CA LYS A 51 3.60 -8.13 19.65
C LYS A 51 4.83 -8.44 20.51
N GLN A 52 5.73 -9.33 20.08
CA GLN A 52 6.73 -9.91 20.96
C GLN A 52 8.15 -9.78 20.38
N SER A 53 9.14 -10.00 21.25
CA SER A 53 10.58 -9.85 21.03
C SER A 53 10.96 -8.38 20.92
N ILE A 54 12.27 -8.08 20.95
CA ILE A 54 12.73 -6.69 20.85
C ILE A 54 12.66 -6.18 19.41
N TRP A 55 12.37 -7.05 18.45
CA TRP A 55 12.21 -6.63 17.07
C TRP A 55 10.76 -6.32 16.70
N ALA A 56 9.82 -6.42 17.65
CA ALA A 56 8.44 -5.99 17.44
C ALA A 56 8.28 -4.66 16.71
N PRO A 57 8.96 -3.56 17.08
CA PRO A 57 8.62 -2.25 16.48
C PRO A 57 8.68 -2.22 14.95
N SER A 58 9.56 -3.02 14.36
CA SER A 58 9.78 -3.05 12.92
C SER A 58 8.97 -4.15 12.24
N PHE A 59 7.95 -4.64 12.92
CA PHE A 59 7.15 -5.73 12.36
C PHE A 59 6.59 -5.36 10.98
N LYS A 60 5.96 -4.19 10.88
CA LYS A 60 5.26 -3.80 9.65
C LYS A 60 6.24 -3.42 8.55
N GLU A 61 7.27 -2.64 8.87
CA GLU A 61 8.34 -2.34 7.92
C GLU A 61 8.91 -3.61 7.30
N LEU A 62 9.26 -4.59 8.13
CA LEU A 62 9.84 -5.82 7.62
C LEU A 62 8.82 -6.61 6.81
N LEU A 63 7.57 -6.69 7.28
CA LEU A 63 6.52 -7.31 6.46
C LEU A 63 6.47 -6.67 5.06
N ASP A 64 6.38 -5.34 4.99
CA ASP A 64 6.33 -4.67 3.70
C ASP A 64 7.60 -4.93 2.89
N GLN A 65 8.76 -4.98 3.56
CA GLN A 65 9.99 -5.16 2.80
C GLN A 65 10.13 -6.59 2.31
N ALA A 66 9.72 -7.54 3.13
CA ALA A 66 9.71 -8.92 2.68
C ALA A 66 8.79 -9.09 1.47
N ARG A 67 7.55 -8.59 1.55
CA ARG A 67 6.61 -8.77 0.44
C ARG A 67 7.17 -8.19 -0.86
N TYR A 68 7.82 -7.03 -0.79
CA TYR A 68 8.42 -6.45 -1.98
C TYR A 68 9.55 -7.32 -2.54
N PHE A 69 10.49 -7.72 -1.68
CA PHE A 69 11.60 -8.53 -2.18
C PHE A 69 11.10 -9.86 -2.73
N TYR A 70 10.10 -10.45 -2.06
CA TYR A 70 9.52 -11.69 -2.53
C TYR A 70 8.88 -11.53 -3.91
N SER A 71 8.32 -10.36 -4.21
CA SER A 71 7.66 -10.18 -5.52
C SER A 71 8.64 -9.85 -6.64
N THR A 72 9.81 -9.28 -6.34
CA THR A 72 10.80 -9.09 -7.39
C THR A 72 11.68 -10.31 -7.59
N GLY A 73 11.81 -11.17 -6.58
CA GLY A 73 12.72 -12.28 -6.76
C GLY A 73 14.18 -11.90 -6.70
N GLN A 74 14.48 -10.65 -6.36
CA GLN A 74 15.86 -10.20 -6.37
C GLN A 74 16.63 -10.75 -5.17
N SER A 75 17.94 -10.87 -5.35
CA SER A 75 18.82 -11.46 -4.35
C SER A 75 19.02 -10.51 -3.17
N VAL A 76 18.99 -11.04 -1.95
CA VAL A 76 19.06 -10.19 -0.76
C VAL A 76 19.96 -10.85 0.28
N ARG A 77 20.27 -10.05 1.30
CA ARG A 77 20.85 -10.57 2.52
C ARG A 77 19.75 -10.56 3.56
N ILE A 78 19.51 -11.69 4.19
CA ILE A 78 18.57 -11.76 5.29
C ILE A 78 19.35 -11.78 6.59
N HIS A 79 18.93 -10.95 7.54
CA HIS A 79 19.49 -10.92 8.89
C HIS A 79 18.45 -11.44 9.87
N VAL A 80 18.89 -12.30 10.77
CA VAL A 80 18.02 -12.89 11.79
C VAL A 80 18.78 -12.95 13.11
N GLN A 81 18.02 -12.96 14.21
CA GLN A 81 18.57 -13.33 15.50
C GLN A 81 18.05 -14.73 15.83
N LYS A 82 18.99 -15.63 16.12
CA LYS A 82 18.67 -17.03 16.37
C LYS A 82 18.03 -17.21 17.74
N ASN A 83 17.20 -18.25 17.86
CA ASN A 83 16.75 -18.75 19.16
C ASN A 83 15.86 -17.76 19.90
N ILE A 84 14.90 -17.16 19.17
CA ILE A 84 13.97 -16.20 19.74
C ILE A 84 12.64 -16.90 20.05
N TRP A 85 12.05 -17.54 19.05
CA TRP A 85 10.71 -18.08 19.25
C TRP A 85 10.80 -19.40 20.00
N THR A 86 9.86 -19.60 20.93
CA THR A 86 9.90 -20.71 21.87
C THR A 86 8.79 -21.75 21.71
N TYR A 87 7.63 -21.38 21.17
CA TYR A 87 6.53 -22.35 21.12
C TYR A 87 6.85 -23.50 20.17
N PRO A 88 7.00 -24.74 20.66
CA PRO A 88 7.61 -25.79 19.84
C PRO A 88 6.82 -26.17 18.61
N LEU A 89 5.49 -26.17 18.66
CA LEU A 89 4.72 -26.43 17.44
C LEU A 89 4.99 -25.37 16.40
N PHE A 90 5.32 -24.15 16.83
CA PHE A 90 5.64 -23.06 15.91
C PHE A 90 7.03 -23.22 15.37
N VAL A 91 8.01 -23.40 16.25
CA VAL A 91 9.40 -23.51 15.83
C VAL A 91 9.60 -24.75 14.96
N ASN A 92 8.94 -25.85 15.29
CA ASN A 92 9.06 -27.05 14.46
C ASN A 92 8.56 -26.80 13.04
N THR A 93 7.49 -26.02 12.87
CA THR A 93 7.01 -25.75 11.53
C THR A 93 7.87 -24.71 10.81
N PHE A 94 8.44 -23.75 11.54
CA PHE A 94 9.08 -22.60 10.91
C PHE A 94 10.49 -22.51 11.45
N SER A 95 10.73 -21.70 12.48
CA SER A 95 12.06 -21.54 13.05
C SER A 95 11.93 -20.82 14.37
N ALA A 96 13.04 -20.79 15.10
CA ALA A 96 13.20 -19.89 16.22
C ALA A 96 13.91 -18.61 15.82
N ASN A 97 14.02 -18.34 14.52
CA ASN A 97 14.72 -17.17 14.02
C ASN A 97 13.75 -16.00 13.89
N ALA A 98 14.09 -14.90 14.53
CA ALA A 98 13.36 -13.66 14.33
C ALA A 98 14.03 -12.87 13.20
N LEU A 99 13.20 -12.35 12.27
CA LEU A 99 13.70 -11.50 11.17
C LEU A 99 14.06 -10.14 11.71
N VAL A 100 15.26 -9.65 11.39
CA VAL A 100 15.68 -8.37 11.98
C VAL A 100 16.13 -7.36 10.94
N GLY A 101 16.19 -7.74 9.67
CA GLY A 101 16.44 -6.76 8.62
C GLY A 101 16.67 -7.42 7.28
N LEU A 102 16.62 -6.59 6.23
CA LEU A 102 16.76 -7.08 4.86
C LEU A 102 17.56 -6.07 4.03
N SER A 103 18.48 -6.57 3.20
CA SER A 103 19.32 -5.74 2.38
C SER A 103 19.26 -6.23 0.93
N SER A 104 19.26 -5.29 -0.01
CA SER A 104 19.36 -5.63 -1.41
C SER A 104 20.83 -5.90 -1.75
N CYS A 105 21.08 -6.89 -2.60
CA CYS A 105 22.43 -7.30 -2.87
C CYS A 105 22.72 -7.09 -4.35
N SER A 106 23.89 -6.54 -4.62
CA SER A 106 24.46 -6.51 -5.94
C SER A 106 24.92 -7.91 -6.31
N ALA A 107 25.54 -8.03 -7.48
CA ALA A 107 26.22 -9.25 -7.80
C ALA A 107 27.57 -9.33 -7.10
N THR A 108 28.01 -8.25 -6.47
CA THR A 108 29.31 -8.13 -5.82
C THR A 108 29.23 -7.87 -4.32
N GLN A 109 28.16 -7.23 -3.84
CA GLN A 109 28.12 -6.70 -2.49
C GLN A 109 26.67 -6.60 -2.06
N CYS A 110 26.45 -6.65 -0.76
CA CYS A 110 25.13 -6.44 -0.19
C CYS A 110 25.16 -5.15 0.60
N PHE A 111 24.08 -4.38 0.49
CA PHE A 111 23.96 -3.05 1.09
C PHE A 111 23.44 -3.23 2.51
N GLY A 112 24.34 -3.63 3.40
CA GLY A 112 23.96 -3.76 4.79
C GLY A 112 25.10 -4.18 5.67
N PRO A 113 24.77 -4.38 6.94
CA PRO A 113 25.79 -4.77 7.92
C PRO A 113 26.43 -6.10 7.55
N LYS A 114 27.75 -6.15 7.74
CA LYS A 114 28.50 -7.39 7.58
C LYS A 114 29.26 -7.71 8.86
N GLU B 1 -4.07 -19.26 20.92
CA GLU B 1 -4.52 -19.70 19.61
C GLU B 1 -3.42 -19.46 18.56
N TRP B 2 -3.53 -20.16 17.44
CA TRP B 2 -2.53 -20.12 16.39
C TRP B 2 -3.16 -20.63 15.11
N THR B 3 -2.77 -20.03 13.99
CA THR B 3 -3.17 -20.49 12.67
C THR B 3 -3.07 -22.01 12.55
N GLY B 4 -1.98 -22.60 13.04
CA GLY B 4 -1.74 -24.00 12.81
C GLY B 4 -2.20 -24.92 13.92
N ASP B 5 -3.10 -24.47 14.78
CA ASP B 5 -3.81 -25.37 15.68
C ASP B 5 -4.47 -26.49 14.88
N ASN B 6 -4.42 -27.71 15.41
CA ASN B 6 -5.09 -28.78 14.71
C ASN B 6 -6.62 -28.63 14.75
N THR B 7 -7.15 -27.74 15.58
CA THR B 7 -8.58 -27.46 15.55
C THR B 7 -9.00 -26.63 14.34
N ASN B 8 -8.05 -26.27 13.48
CA ASN B 8 -8.32 -25.53 12.27
C ASN B 8 -8.19 -26.46 11.06
N ALA B 9 -8.70 -26.01 9.92
CA ALA B 9 -8.64 -26.75 8.68
C ALA B 9 -7.91 -25.96 7.60
N TYR B 10 -7.17 -26.67 6.75
CA TYR B 10 -6.42 -26.03 5.68
C TYR B 10 -6.57 -26.83 4.40
N TYR B 11 -6.38 -26.15 3.27
CA TYR B 11 -6.58 -26.71 1.94
C TYR B 11 -5.43 -26.27 1.05
N SER B 12 -4.56 -27.21 0.68
CA SER B 12 -3.38 -26.88 -0.11
C SER B 12 -3.70 -26.87 -1.60
N ASP B 13 -2.79 -26.25 -2.37
CA ASP B 13 -2.85 -26.26 -3.84
C ASP B 13 -4.09 -25.57 -4.37
N GLU B 14 -4.44 -24.43 -3.79
CA GLU B 14 -5.62 -23.69 -4.20
C GLU B 14 -5.23 -22.38 -4.87
N VAL B 15 -6.17 -21.82 -5.61
CA VAL B 15 -6.02 -20.55 -6.29
C VAL B 15 -7.15 -19.64 -5.87
N ILE B 16 -6.83 -18.53 -5.22
CA ILE B 16 -7.85 -17.55 -4.93
C ILE B 16 -8.44 -17.15 -6.28
N SER B 17 -9.70 -17.48 -6.50
CA SER B 17 -10.36 -17.22 -7.77
C SER B 17 -11.24 -15.99 -7.74
N GLU B 18 -11.73 -15.59 -6.56
CA GLU B 18 -12.68 -14.49 -6.48
C GLU B 18 -12.44 -13.73 -5.20
N LEU B 19 -12.82 -12.46 -5.22
CA LEU B 19 -12.61 -11.55 -4.10
C LEU B 19 -13.83 -10.65 -3.98
N HIS B 20 -14.32 -10.49 -2.76
CA HIS B 20 -15.45 -9.62 -2.47
C HIS B 20 -15.10 -8.81 -1.23
N VAL B 21 -15.52 -7.55 -1.21
CA VAL B 21 -15.31 -6.68 -0.06
C VAL B 21 -16.62 -5.98 0.24
N GLY B 22 -16.94 -5.85 1.51
CA GLY B 22 -18.25 -5.38 1.88
C GLY B 22 -18.21 -4.93 3.32
N GLN B 23 -19.38 -4.57 3.82
CA GLN B 23 -19.53 -4.18 5.22
C GLN B 23 -20.67 -4.97 5.83
N ILE B 24 -20.41 -5.55 6.99
CA ILE B 24 -21.44 -6.20 7.80
C ILE B 24 -21.30 -5.68 9.22
N ASP B 25 -22.43 -5.22 9.78
CA ASP B 25 -22.60 -4.88 11.19
C ASP B 25 -21.50 -3.94 11.70
N THR B 26 -21.31 -2.82 10.97
CA THR B 26 -20.27 -1.82 11.18
C THR B 26 -18.85 -2.35 10.95
N SER B 27 -18.67 -3.56 10.44
CA SER B 27 -17.30 -3.95 10.17
C SER B 27 -17.06 -4.07 8.67
N PRO B 28 -16.02 -3.47 8.16
CA PRO B 28 -15.57 -3.83 6.82
C PRO B 28 -15.14 -5.30 6.82
N TYR B 29 -15.46 -6.00 5.75
CA TYR B 29 -15.03 -7.38 5.63
C TYR B 29 -14.66 -7.67 4.19
N PHE B 30 -13.97 -8.80 4.03
CA PHE B 30 -13.73 -9.40 2.73
C PHE B 30 -13.87 -10.92 2.82
N CYS B 31 -14.14 -11.54 1.68
CA CYS B 31 -14.17 -13.01 1.48
C CYS B 31 -13.39 -13.33 0.23
N ILE B 32 -12.88 -14.55 0.20
CA ILE B 32 -12.23 -15.09 -0.99
C ILE B 32 -12.83 -16.45 -1.33
N LYS B 33 -12.71 -16.82 -2.60
CA LYS B 33 -13.09 -18.13 -3.09
C LYS B 33 -11.88 -18.76 -3.74
N THR B 34 -11.47 -19.92 -3.23
CA THR B 34 -10.27 -20.58 -3.75
C THR B 34 -10.66 -21.90 -4.41
N VAL B 35 -10.13 -22.11 -5.63
CA VAL B 35 -10.38 -23.29 -6.43
C VAL B 35 -9.10 -24.11 -6.50
N LYS B 36 -9.25 -25.44 -6.51
CA LYS B 36 -8.13 -26.30 -6.83
C LYS B 36 -7.50 -25.85 -8.14
N ALA B 37 -6.17 -25.92 -8.23
CA ALA B 37 -5.49 -25.36 -9.39
C ALA B 37 -6.00 -25.96 -10.72
N ASN B 38 -6.46 -27.21 -10.71
CA ASN B 38 -6.92 -27.91 -11.91
C ASN B 38 -8.43 -27.81 -12.19
N GLY B 39 -9.27 -28.00 -11.15
CA GLY B 39 -10.72 -28.10 -11.28
C GLY B 39 -11.25 -29.18 -10.35
N SER B 40 -10.36 -29.87 -9.64
CA SER B 40 -10.74 -30.95 -8.74
C SER B 40 -11.48 -30.40 -7.51
N GLY B 41 -12.09 -31.31 -6.76
CA GLY B 41 -12.74 -31.01 -5.49
C GLY B 41 -13.79 -29.91 -5.49
N THR B 42 -14.15 -29.43 -4.31
CA THR B 42 -15.11 -28.36 -4.17
C THR B 42 -14.40 -27.10 -3.73
N PRO B 43 -14.85 -25.92 -4.22
CA PRO B 43 -14.26 -24.66 -3.75
C PRO B 43 -14.39 -24.52 -2.23
N VAL B 44 -13.57 -23.62 -1.68
CA VAL B 44 -13.69 -23.22 -0.27
C VAL B 44 -13.88 -21.71 -0.24
N VAL B 45 -14.74 -21.26 0.66
CA VAL B 45 -15.02 -19.85 0.89
C VAL B 45 -14.64 -19.54 2.33
N ALA B 46 -14.14 -18.32 2.53
CA ALA B 46 -13.51 -17.92 3.78
C ALA B 46 -13.55 -16.40 3.88
N CYS B 47 -13.86 -15.89 5.08
CA CYS B 47 -14.03 -14.46 5.27
C CYS B 47 -13.20 -13.98 6.45
N ALA B 48 -12.79 -12.73 6.36
CA ALA B 48 -12.22 -12.02 7.48
C ALA B 48 -13.03 -10.74 7.70
N VAL B 49 -13.28 -10.45 8.96
CA VAL B 49 -14.22 -9.42 9.32
C VAL B 49 -13.57 -8.55 10.38
N SER B 50 -13.24 -7.32 10.02
CA SER B 50 -12.62 -6.36 10.93
C SER B 50 -13.33 -6.34 12.28
N LYS B 51 -12.53 -6.36 13.34
CA LYS B 51 -13.03 -6.20 14.71
C LYS B 51 -13.94 -7.34 15.15
N GLN B 52 -13.90 -8.48 14.47
CA GLN B 52 -14.80 -9.58 14.78
C GLN B 52 -14.00 -10.88 14.80
N SER B 53 -14.31 -11.73 15.76
CA SER B 53 -13.72 -13.06 15.95
C SER B 53 -12.38 -12.90 16.61
N ILE B 54 -11.76 -14.01 17.02
CA ILE B 54 -10.46 -13.89 17.68
C ILE B 54 -9.39 -13.55 16.67
N TRP B 55 -9.70 -13.70 15.39
CA TRP B 55 -8.78 -13.43 14.31
C TRP B 55 -8.75 -11.96 13.88
N ALA B 56 -9.64 -11.12 14.41
CA ALA B 56 -9.66 -9.68 14.10
C ALA B 56 -8.28 -9.03 13.97
N PRO B 57 -7.34 -9.18 14.92
CA PRO B 57 -6.06 -8.46 14.79
C PRO B 57 -5.37 -8.64 13.44
N SER B 58 -5.63 -9.75 12.75
CA SER B 58 -4.93 -10.08 11.52
C SER B 58 -5.65 -9.60 10.28
N PHE B 59 -6.83 -9.01 10.46
CA PHE B 59 -7.63 -8.54 9.33
C PHE B 59 -6.80 -7.91 8.18
N LYS B 60 -6.10 -6.81 8.47
CA LYS B 60 -5.48 -6.03 7.41
C LYS B 60 -4.36 -6.81 6.72
N GLU B 61 -3.60 -7.57 7.48
CA GLU B 61 -2.55 -8.43 6.94
C GLU B 61 -3.09 -9.50 6.02
N LEU B 62 -4.18 -10.18 6.41
CA LEU B 62 -4.76 -11.19 5.54
C LEU B 62 -5.43 -10.57 4.32
N LEU B 63 -5.93 -9.33 4.43
CA LEU B 63 -6.54 -8.67 3.28
C LEU B 63 -5.48 -8.26 2.25
N ASP B 64 -4.34 -7.75 2.71
CA ASP B 64 -3.28 -7.41 1.77
C ASP B 64 -2.69 -8.67 1.17
N GLN B 65 -2.51 -9.71 1.99
CA GLN B 65 -1.92 -10.94 1.48
C GLN B 65 -2.83 -11.60 0.47
N ALA B 66 -4.13 -11.61 0.75
CA ALA B 66 -5.11 -12.13 -0.18
C ALA B 66 -5.07 -11.35 -1.49
N ARG B 67 -5.06 -10.02 -1.42
CA ARG B 67 -4.97 -9.20 -2.63
C ARG B 67 -3.77 -9.62 -3.45
N TYR B 68 -2.65 -9.91 -2.79
CA TYR B 68 -1.45 -10.29 -3.51
C TYR B 68 -1.61 -11.65 -4.17
N PHE B 69 -1.83 -12.69 -3.37
CA PHE B 69 -2.00 -14.05 -3.89
C PHE B 69 -3.11 -14.16 -4.93
N TYR B 70 -4.05 -13.22 -4.95
CA TYR B 70 -5.11 -13.18 -5.96
C TYR B 70 -4.62 -12.52 -7.24
N SER B 71 -3.81 -11.47 -7.12
CA SER B 71 -3.22 -10.85 -8.29
C SER B 71 -2.29 -11.79 -9.02
N THR B 72 -1.64 -12.71 -8.32
CA THR B 72 -0.69 -13.60 -8.97
C THR B 72 -1.31 -14.89 -9.45
N GLY B 73 -2.44 -15.30 -8.88
CA GLY B 73 -3.01 -16.58 -9.24
C GLY B 73 -2.14 -17.76 -8.86
N GLN B 74 -1.15 -17.53 -8.00
CA GLN B 74 -0.21 -18.57 -7.65
C GLN B 74 -0.86 -19.56 -6.68
N SER B 75 -0.19 -20.71 -6.52
CA SER B 75 -0.66 -21.73 -5.61
C SER B 75 -0.61 -21.24 -4.17
N VAL B 76 -1.62 -21.61 -3.38
CA VAL B 76 -1.57 -21.33 -1.94
C VAL B 76 -2.15 -22.48 -1.14
N ARG B 77 -1.80 -22.50 0.14
CA ARG B 77 -2.57 -23.20 1.16
C ARG B 77 -3.37 -22.15 1.92
N ILE B 78 -4.66 -22.40 2.09
CA ILE B 78 -5.54 -21.47 2.78
C ILE B 78 -5.94 -22.12 4.10
N HIS B 79 -5.77 -21.40 5.20
CA HIS B 79 -6.11 -21.89 6.53
C HIS B 79 -7.34 -21.18 7.06
N VAL B 80 -8.24 -21.94 7.69
CA VAL B 80 -9.53 -21.44 8.18
C VAL B 80 -9.84 -22.04 9.54
N GLN B 81 -10.73 -21.35 10.27
CA GLN B 81 -11.44 -21.94 11.40
C GLN B 81 -12.92 -22.01 11.04
N LYS B 82 -13.46 -23.23 11.03
CA LYS B 82 -14.83 -23.48 10.61
C LYS B 82 -15.81 -22.94 11.65
N ASN B 83 -17.04 -22.69 11.20
CA ASN B 83 -18.17 -22.36 12.08
C ASN B 83 -17.88 -21.16 13.00
N ILE B 84 -17.44 -20.04 12.44
CA ILE B 84 -17.16 -18.82 13.20
C ILE B 84 -18.23 -17.76 12.96
N TRP B 85 -18.52 -17.44 11.70
CA TRP B 85 -19.60 -16.51 11.38
C TRP B 85 -20.95 -17.23 11.51
N THR B 86 -21.89 -16.56 12.18
CA THR B 86 -23.15 -17.20 12.54
C THR B 86 -24.38 -16.60 11.87
N TYR B 87 -24.27 -15.44 11.25
CA TYR B 87 -25.36 -14.83 10.48
C TYR B 87 -25.75 -15.78 9.35
N PRO B 88 -26.97 -16.35 9.37
CA PRO B 88 -27.30 -17.36 8.35
C PRO B 88 -27.35 -16.84 6.92
N LEU B 89 -27.60 -15.55 6.69
CA LEU B 89 -27.65 -15.06 5.32
C LEU B 89 -26.24 -14.92 4.76
N PHE B 90 -25.38 -14.25 5.53
CA PHE B 90 -23.96 -14.15 5.22
C PHE B 90 -23.36 -15.53 5.08
N VAL B 91 -23.71 -16.44 6.00
CA VAL B 91 -23.11 -17.78 5.96
C VAL B 91 -23.55 -18.50 4.69
N ASN B 92 -24.79 -18.28 4.27
CA ASN B 92 -25.27 -18.90 3.04
C ASN B 92 -24.76 -18.19 1.79
N THR B 93 -24.56 -16.87 1.85
CA THR B 93 -23.96 -16.22 0.70
C THR B 93 -22.48 -16.60 0.56
N PHE B 94 -21.83 -16.92 1.67
CA PHE B 94 -20.40 -17.18 1.64
C PHE B 94 -20.08 -18.50 2.35
N SER B 95 -19.82 -18.42 3.64
CA SER B 95 -19.44 -19.57 4.45
C SER B 95 -19.37 -19.08 5.88
N ALA B 96 -19.25 -20.03 6.81
CA ALA B 96 -18.89 -19.69 8.17
C ALA B 96 -17.39 -19.77 8.42
N ASN B 97 -16.56 -19.89 7.38
CA ASN B 97 -15.13 -20.06 7.58
C ASN B 97 -14.46 -18.72 7.84
N ALA B 98 -13.75 -18.61 8.97
CA ALA B 98 -12.87 -17.48 9.21
C ALA B 98 -11.51 -17.77 8.58
N LEU B 99 -11.04 -16.89 7.71
CA LEU B 99 -9.69 -17.00 7.20
C LEU B 99 -8.70 -16.73 8.31
N VAL B 100 -7.74 -17.64 8.50
CA VAL B 100 -6.80 -17.53 9.61
C VAL B 100 -5.35 -17.66 9.17
N GLY B 101 -5.09 -17.91 7.88
CA GLY B 101 -3.73 -18.08 7.44
C GLY B 101 -3.61 -18.25 5.94
N LEU B 102 -2.46 -17.90 5.36
CA LEU B 102 -2.25 -17.98 3.93
C LEU B 102 -0.79 -18.31 3.68
N SER B 103 -0.55 -19.37 2.92
CA SER B 103 0.82 -19.81 2.67
C SER B 103 1.06 -19.98 1.19
N SER B 104 2.20 -19.49 0.71
CA SER B 104 2.69 -19.86 -0.61
C SER B 104 3.04 -21.34 -0.67
N CYS B 105 3.10 -21.88 -1.90
CA CYS B 105 3.48 -23.26 -2.16
C CYS B 105 4.46 -23.34 -3.32
N SER B 106 5.43 -24.24 -3.20
CA SER B 106 6.25 -24.65 -4.34
C SER B 106 5.60 -25.87 -4.99
N ALA B 107 6.33 -26.52 -5.90
CA ALA B 107 5.75 -27.63 -6.66
C ALA B 107 5.52 -28.85 -5.78
N THR B 108 6.15 -28.91 -4.60
CA THR B 108 6.00 -30.05 -3.70
C THR B 108 5.26 -29.64 -2.43
N GLN B 109 5.88 -28.84 -1.57
CA GLN B 109 5.29 -28.46 -0.30
C GLN B 109 4.72 -27.05 -0.34
N CYS B 110 3.84 -26.79 0.62
CA CYS B 110 3.37 -25.44 0.95
C CYS B 110 4.06 -24.98 2.22
N PHE B 111 4.28 -23.67 2.33
CA PHE B 111 5.12 -23.12 3.40
C PHE B 111 4.26 -22.65 4.57
N GLY B 112 3.83 -23.61 5.39
CA GLY B 112 3.01 -23.29 6.54
C GLY B 112 2.73 -24.50 7.42
N PRO B 113 1.88 -24.30 8.43
CA PRO B 113 1.50 -25.43 9.28
C PRO B 113 0.68 -26.45 8.52
N LYS B 114 0.76 -27.68 9.00
CA LYS B 114 0.10 -28.86 8.45
C LYS B 114 0.09 -29.90 9.54
N GLU C 1 11.74 24.08 10.21
CA GLU C 1 12.69 23.30 9.43
C GLU C 1 12.04 22.98 8.11
N TRP C 2 12.85 22.77 7.07
CA TRP C 2 12.27 22.37 5.81
C TRP C 2 13.30 21.66 4.95
N THR C 3 12.83 20.63 4.23
CA THR C 3 13.61 19.92 3.21
C THR C 3 14.45 20.88 2.37
N GLY C 4 13.89 22.02 2.03
CA GLY C 4 14.54 22.99 1.18
C GLY C 4 15.51 23.93 1.85
N ASP C 5 15.63 23.87 3.18
CA ASP C 5 16.56 24.74 3.90
C ASP C 5 17.95 24.65 3.30
N ASN C 6 18.54 25.84 3.06
CA ASN C 6 19.88 25.92 2.46
C ASN C 6 20.92 25.19 3.29
N THR C 7 20.65 24.97 4.58
CA THR C 7 21.52 24.16 5.42
C THR C 7 21.44 22.68 5.09
N ASN C 8 20.57 22.29 4.17
CA ASN C 8 20.49 20.90 3.73
C ASN C 8 21.15 20.75 2.36
N ALA C 9 21.62 19.54 2.08
CA ALA C 9 22.40 19.25 0.89
C ALA C 9 21.67 18.25 0.00
N TYR C 10 21.91 18.33 -1.31
CA TYR C 10 21.13 17.52 -2.24
C TYR C 10 21.96 17.16 -3.47
N TYR C 11 21.42 16.22 -4.25
CA TYR C 11 22.16 15.52 -5.30
C TYR C 11 21.19 15.18 -6.43
N SER C 12 21.43 15.75 -7.60
CA SER C 12 20.56 15.54 -8.75
C SER C 12 21.00 14.34 -9.60
N ASP C 13 20.06 13.83 -10.39
CA ASP C 13 20.31 12.75 -11.34
C ASP C 13 20.83 11.46 -10.68
N GLU C 14 20.35 11.19 -9.47
CA GLU C 14 20.65 9.95 -8.78
C GLU C 14 19.64 8.87 -9.16
N VAL C 15 20.07 7.61 -9.04
CA VAL C 15 19.20 6.44 -9.11
C VAL C 15 19.37 5.65 -7.83
N ILE C 16 18.24 5.25 -7.22
CA ILE C 16 18.30 4.49 -5.98
C ILE C 16 18.83 3.10 -6.28
N SER C 17 20.13 2.90 -6.03
CA SER C 17 20.78 1.64 -6.37
C SER C 17 20.35 0.51 -5.44
N GLU C 18 20.38 0.76 -4.13
CA GLU C 18 20.08 -0.26 -3.12
C GLU C 18 19.06 0.29 -2.13
N LEU C 19 18.54 -0.63 -1.32
CA LEU C 19 17.54 -0.34 -0.30
C LEU C 19 17.69 -1.39 0.79
N HIS C 20 17.63 -0.96 2.05
CA HIS C 20 17.85 -1.82 3.20
C HIS C 20 16.89 -1.40 4.30
N VAL C 21 16.39 -2.38 5.04
CA VAL C 21 15.48 -2.12 6.15
C VAL C 21 15.98 -2.86 7.37
N GLY C 22 15.97 -2.19 8.52
CA GLY C 22 16.41 -2.81 9.76
C GLY C 22 15.86 -2.07 10.96
N GLN C 23 16.39 -2.41 12.14
CA GLN C 23 16.06 -1.72 13.38
C GLN C 23 17.34 -1.32 14.11
N ILE C 24 17.27 -0.20 14.83
CA ILE C 24 18.36 0.25 15.71
C ILE C 24 17.76 0.97 16.92
N ASP C 25 18.24 0.60 18.12
CA ASP C 25 17.74 1.10 19.41
C ASP C 25 16.27 1.51 19.39
N THR C 26 15.35 0.54 19.22
CA THR C 26 13.90 0.71 19.36
C THR C 26 13.20 1.10 18.05
N SER C 27 13.93 1.57 17.05
CA SER C 27 13.34 2.25 15.90
C SER C 27 13.51 1.46 14.61
N PRO C 28 12.43 1.15 13.89
CA PRO C 28 12.60 0.75 12.49
C PRO C 28 13.31 1.84 11.69
N TYR C 29 14.20 1.42 10.79
CA TYR C 29 14.86 2.39 9.91
C TYR C 29 15.03 1.80 8.53
N PHE C 30 15.33 2.68 7.57
CA PHE C 30 15.74 2.23 6.25
C PHE C 30 16.84 3.14 5.75
N CYS C 31 17.70 2.58 4.93
CA CYS C 31 18.78 3.27 4.25
C CYS C 31 18.65 3.01 2.77
N ILE C 32 18.91 4.04 1.97
CA ILE C 32 19.04 3.87 0.53
C ILE C 32 20.48 4.19 0.13
N LYS C 33 20.83 3.77 -1.08
CA LYS C 33 22.07 4.18 -1.73
C LYS C 33 21.72 4.71 -3.10
N THR C 34 22.38 5.78 -3.53
CA THR C 34 22.20 6.27 -4.89
C THR C 34 23.55 6.50 -5.55
N VAL C 35 23.58 6.25 -6.85
CA VAL C 35 24.69 6.55 -7.73
C VAL C 35 24.15 7.34 -8.91
N LYS C 36 25.00 8.16 -9.52
CA LYS C 36 24.54 8.99 -10.62
C LYS C 36 24.19 8.13 -11.82
N ALA C 37 23.12 8.52 -12.53
CA ALA C 37 22.64 7.76 -13.67
C ALA C 37 23.70 7.62 -14.77
N ASN C 38 24.71 8.48 -14.80
CA ASN C 38 25.76 8.44 -15.80
C ASN C 38 27.02 7.72 -15.33
N GLY C 39 27.06 7.25 -14.09
CA GLY C 39 28.25 6.65 -13.54
C GLY C 39 29.20 7.60 -12.87
N SER C 40 29.01 8.91 -13.03
CA SER C 40 29.87 9.91 -12.40
C SER C 40 29.87 9.81 -10.88
N GLY C 41 30.64 10.67 -10.24
CA GLY C 41 30.69 10.90 -8.81
C GLY C 41 30.86 9.65 -7.95
N THR C 42 30.49 9.80 -6.69
CA THR C 42 30.56 8.78 -5.65
C THR C 42 29.20 8.56 -5.02
N PRO C 43 28.86 7.31 -4.69
CA PRO C 43 27.52 7.01 -4.19
C PRO C 43 27.13 7.84 -2.97
N VAL C 44 25.84 8.14 -2.87
CA VAL C 44 25.27 8.77 -1.68
C VAL C 44 24.51 7.70 -0.91
N VAL C 45 24.64 7.73 0.42
CA VAL C 45 23.84 6.91 1.32
C VAL C 45 23.03 7.84 2.21
N ALA C 46 21.75 7.50 2.39
CA ALA C 46 20.88 8.26 3.27
C ALA C 46 19.94 7.30 3.96
N CYS C 47 19.59 7.64 5.19
CA CYS C 47 18.76 6.81 6.06
C CYS C 47 17.69 7.68 6.71
N ALA C 48 16.57 7.04 7.00
CA ALA C 48 15.54 7.63 7.84
C ALA C 48 15.27 6.64 8.97
N VAL C 49 15.11 7.16 10.16
CA VAL C 49 14.89 6.33 11.34
C VAL C 49 13.61 6.80 12.02
N SER C 50 12.70 5.87 12.28
CA SER C 50 11.40 6.20 12.85
C SER C 50 11.56 6.69 14.29
N LYS C 51 10.78 7.71 14.65
CA LYS C 51 10.77 8.32 15.99
C LYS C 51 12.11 8.93 16.38
N GLN C 52 13.01 9.14 15.44
CA GLN C 52 14.32 9.72 15.76
C GLN C 52 14.67 10.82 14.75
N SER C 53 15.14 11.97 15.30
CA SER C 53 15.49 13.21 14.60
C SER C 53 14.26 14.06 14.26
N ILE C 54 14.50 15.34 13.90
CA ILE C 54 13.41 16.25 13.52
C ILE C 54 12.63 15.76 12.30
N TRP C 55 13.22 14.89 11.48
CA TRP C 55 12.59 14.37 10.27
C TRP C 55 11.69 13.18 10.53
N ALA C 56 11.54 12.78 11.80
CA ALA C 56 10.76 11.61 12.16
C ALA C 56 9.31 11.65 11.67
N PRO C 57 8.61 12.78 11.66
CA PRO C 57 7.24 12.77 11.12
C PRO C 57 7.15 12.30 9.66
N SER C 58 8.21 12.41 8.88
CA SER C 58 8.14 12.06 7.47
C SER C 58 8.52 10.61 7.17
N PHE C 59 8.81 9.81 8.19
CA PHE C 59 9.46 8.51 7.99
C PHE C 59 8.71 7.65 6.98
N LYS C 60 7.39 7.57 7.08
CA LYS C 60 6.70 6.61 6.25
C LYS C 60 6.42 7.15 4.86
N GLU C 61 6.07 8.42 4.78
CA GLU C 61 5.99 9.09 3.50
C GLU C 61 7.30 8.96 2.75
N LEU C 62 8.42 9.12 3.46
CA LEU C 62 9.72 9.02 2.81
C LEU C 62 10.04 7.58 2.43
N LEU C 63 9.58 6.61 3.22
CA LEU C 63 9.88 5.22 2.88
C LEU C 63 9.06 4.75 1.69
N ASP C 64 7.75 5.01 1.70
CA ASP C 64 6.93 4.73 0.54
C ASP C 64 7.52 5.36 -0.73
N GLN C 65 8.04 6.59 -0.62
CA GLN C 65 8.54 7.29 -1.82
C GLN C 65 9.88 6.69 -2.27
N ALA C 66 10.71 6.30 -1.29
CA ALA C 66 11.95 5.59 -1.57
C ALA C 66 11.69 4.24 -2.23
N ARG C 67 10.76 3.46 -1.67
CA ARG C 67 10.41 2.18 -2.30
C ARG C 67 9.99 2.40 -3.75
N TYR C 68 9.09 3.34 -3.98
CA TYR C 68 8.56 3.54 -5.33
C TYR C 68 9.64 3.94 -6.34
N PHE C 69 10.46 4.93 -6.01
CA PHE C 69 11.53 5.34 -6.90
C PHE C 69 12.55 4.22 -7.07
N TYR C 70 12.71 3.38 -6.04
CA TYR C 70 13.53 2.19 -6.17
C TYR C 70 12.96 1.25 -7.23
N SER C 71 11.65 0.96 -7.15
CA SER C 71 11.06 -0.01 -8.06
C SER C 71 11.15 0.47 -9.52
N THR C 72 11.02 1.79 -9.77
CA THR C 72 11.12 2.31 -11.13
C THR C 72 12.55 2.57 -11.59
N GLY C 73 13.48 2.80 -10.66
CA GLY C 73 14.84 3.17 -11.06
C GLY C 73 14.94 4.49 -11.82
N GLN C 74 14.04 5.43 -11.58
CA GLN C 74 14.08 6.69 -12.34
C GLN C 74 15.10 7.64 -11.73
N SER C 75 15.50 8.62 -12.52
CA SER C 75 16.41 9.64 -12.02
C SER C 75 15.71 10.49 -10.98
N VAL C 76 16.38 10.74 -9.85
CA VAL C 76 15.77 11.52 -8.79
C VAL C 76 16.81 12.44 -8.15
N ARG C 77 16.29 13.40 -7.40
CA ARG C 77 17.06 14.27 -6.53
C ARG C 77 16.86 13.81 -5.09
N ILE C 78 17.95 13.49 -4.41
CA ILE C 78 17.92 13.09 -3.00
C ILE C 78 18.32 14.29 -2.15
N HIS C 79 17.46 14.65 -1.20
CA HIS C 79 17.75 15.69 -0.22
C HIS C 79 18.09 15.04 1.12
N VAL C 80 19.12 15.57 1.78
CA VAL C 80 19.61 15.02 3.04
C VAL C 80 20.00 16.18 3.96
N GLN C 81 19.98 15.89 5.27
CA GLN C 81 20.73 16.65 6.25
C GLN C 81 21.88 15.79 6.75
N LYS C 82 23.09 16.34 6.68
CA LYS C 82 24.26 15.55 7.05
C LYS C 82 24.45 15.59 8.56
N ASN C 83 25.19 14.59 9.06
CA ASN C 83 25.63 14.47 10.46
C ASN C 83 24.48 14.46 11.46
N ILE C 84 23.57 13.50 11.28
CA ILE C 84 22.40 13.34 12.14
C ILE C 84 22.50 12.06 12.97
N TRP C 85 22.83 10.94 12.32
CA TRP C 85 23.00 9.66 13.00
C TRP C 85 24.40 9.58 13.59
N THR C 86 24.51 9.27 14.88
CA THR C 86 25.83 9.21 15.51
C THR C 86 26.36 7.80 15.73
N TYR C 87 25.51 6.76 15.59
CA TYR C 87 25.81 5.37 15.98
C TYR C 87 26.97 4.83 15.15
N PRO C 88 28.17 4.72 15.75
CA PRO C 88 29.39 4.62 14.94
C PRO C 88 29.39 3.47 13.95
N LEU C 89 28.91 2.29 14.33
CA LEU C 89 28.91 1.17 13.38
C LEU C 89 27.86 1.36 12.29
N PHE C 90 26.71 1.94 12.65
CA PHE C 90 25.64 2.23 11.70
C PHE C 90 26.09 3.23 10.65
N VAL C 91 26.77 4.29 11.10
CA VAL C 91 27.24 5.32 10.18
C VAL C 91 28.34 4.78 9.29
N ASN C 92 29.29 4.02 9.88
CA ASN C 92 30.30 3.37 9.07
C ASN C 92 29.71 2.34 8.11
N THR C 93 28.53 1.79 8.42
CA THR C 93 27.92 0.88 7.45
C THR C 93 27.21 1.67 6.36
N PHE C 94 26.46 2.71 6.74
CA PHE C 94 25.67 3.50 5.80
C PHE C 94 26.22 4.87 5.74
N SER C 95 25.69 5.83 6.51
CA SER C 95 26.18 7.19 6.58
C SER C 95 25.46 7.85 7.75
N ALA C 96 25.84 9.09 8.06
CA ALA C 96 25.09 9.93 8.97
C ALA C 96 24.08 10.83 8.25
N ASN C 97 23.93 10.67 6.94
CA ASN C 97 22.95 11.46 6.20
C ASN C 97 21.55 11.02 6.61
N ALA C 98 20.74 11.97 7.05
CA ALA C 98 19.32 11.74 7.29
C ALA C 98 18.56 12.12 6.03
N LEU C 99 17.67 11.25 5.58
CA LEU C 99 16.90 11.51 4.37
C LEU C 99 15.76 12.48 4.67
N VAL C 100 15.74 13.62 3.99
CA VAL C 100 14.79 14.68 4.23
C VAL C 100 13.88 14.96 3.03
N GLY C 101 14.11 14.33 1.89
CA GLY C 101 13.26 14.54 0.75
C GLY C 101 13.64 13.74 -0.48
N LEU C 102 12.67 13.54 -1.36
CA LEU C 102 12.87 12.83 -2.62
C LEU C 102 12.18 13.63 -3.74
N SER C 103 12.87 13.84 -4.83
CA SER C 103 12.32 14.64 -5.92
C SER C 103 12.47 13.93 -7.26
N SER C 104 11.36 13.82 -8.01
CA SER C 104 11.46 13.42 -9.40
C SER C 104 12.37 14.35 -10.20
N CYS C 105 13.05 13.76 -11.20
CA CYS C 105 13.86 14.48 -12.21
C CYS C 105 13.43 14.05 -13.60
N SER C 106 13.00 15.00 -14.42
CA SER C 106 12.64 14.66 -15.79
C SER C 106 13.65 15.28 -16.78
N ALA C 107 13.22 15.42 -18.04
CA ALA C 107 14.08 16.00 -19.07
C ALA C 107 14.62 17.34 -18.64
N THR C 108 13.74 18.26 -18.22
CA THR C 108 14.19 19.50 -17.63
C THR C 108 14.27 19.33 -16.10
N GLN C 109 14.41 20.45 -15.38
CA GLN C 109 15.01 20.45 -14.04
C GLN C 109 14.32 19.52 -13.05
N CYS C 110 15.11 19.01 -12.09
CA CYS C 110 14.59 18.25 -10.95
C CYS C 110 13.52 19.03 -10.19
N PHE C 111 12.45 18.33 -9.84
CA PHE C 111 11.29 18.96 -9.18
C PHE C 111 11.50 19.03 -7.67
N GLY C 112 12.20 20.07 -7.23
CA GLY C 112 12.38 20.29 -5.81
C GLY C 112 13.33 21.42 -5.52
N PRO C 113 13.49 21.75 -4.23
CA PRO C 113 14.25 22.96 -3.85
C PRO C 113 15.67 22.92 -4.39
N LYS C 114 16.11 24.08 -4.89
CA LYS C 114 17.21 24.16 -5.83
C LYS C 114 18.23 25.23 -5.45
N GLU D 1 -16.77 23.49 2.88
CA GLU D 1 -15.86 23.43 1.74
C GLU D 1 -16.11 22.16 0.93
N TRP D 2 -15.68 22.17 -0.34
CA TRP D 2 -15.78 21.04 -1.25
C TRP D 2 -14.76 21.19 -2.35
N THR D 3 -14.17 20.06 -2.74
CA THR D 3 -13.31 20.01 -3.91
C THR D 3 -13.95 20.73 -5.10
N GLY D 4 -15.24 20.49 -5.31
CA GLY D 4 -16.02 21.00 -6.42
C GLY D 4 -16.58 22.38 -6.26
N ASP D 5 -16.30 23.08 -5.15
CA ASP D 5 -16.63 24.50 -5.03
C ASP D 5 -16.12 25.29 -6.22
N ASN D 6 -16.85 26.38 -6.54
CA ASN D 6 -16.43 27.29 -7.61
C ASN D 6 -15.35 28.26 -7.18
N THR D 7 -15.05 28.38 -5.88
CA THR D 7 -13.92 29.21 -5.50
C THR D 7 -12.58 28.55 -5.82
N ASN D 8 -12.59 27.28 -6.21
CA ASN D 8 -11.39 26.54 -6.58
C ASN D 8 -11.19 26.62 -8.09
N ALA D 9 -10.01 26.18 -8.54
CA ALA D 9 -9.67 26.12 -9.94
C ALA D 9 -9.38 24.67 -10.33
N TYR D 10 -9.64 24.34 -11.59
CA TYR D 10 -9.31 23.05 -12.16
C TYR D 10 -8.66 23.22 -13.53
N TYR D 11 -7.98 22.16 -13.96
CA TYR D 11 -7.25 22.10 -15.23
C TYR D 11 -7.39 20.69 -15.78
N SER D 12 -8.08 20.55 -16.89
CA SER D 12 -8.46 19.26 -17.43
C SER D 12 -7.38 18.73 -18.38
N ASP D 13 -7.46 17.43 -18.64
CA ASP D 13 -6.53 16.70 -19.50
C ASP D 13 -5.08 17.11 -19.20
N GLU D 14 -4.75 17.01 -17.91
CA GLU D 14 -3.37 17.07 -17.43
C GLU D 14 -2.88 15.67 -17.18
N VAL D 15 -1.55 15.53 -17.16
CA VAL D 15 -0.89 14.29 -16.77
C VAL D 15 0.18 14.64 -15.75
N ILE D 16 0.27 13.87 -14.67
CA ILE D 16 1.21 14.18 -13.60
C ILE D 16 2.60 13.76 -14.04
N SER D 17 3.52 14.72 -14.10
CA SER D 17 4.85 14.48 -14.61
C SER D 17 5.92 14.63 -13.56
N GLU D 18 5.63 15.28 -12.43
CA GLU D 18 6.59 15.40 -11.36
C GLU D 18 5.91 15.14 -10.02
N LEU D 19 6.70 14.56 -9.12
CA LEU D 19 6.26 14.23 -7.77
C LEU D 19 7.46 14.36 -6.83
N HIS D 20 7.24 14.99 -5.69
CA HIS D 20 8.29 15.25 -4.71
C HIS D 20 7.66 15.19 -3.33
N VAL D 21 8.41 14.63 -2.38
CA VAL D 21 7.97 14.48 -1.00
C VAL D 21 9.03 15.06 -0.08
N GLY D 22 8.58 15.85 0.89
CA GLY D 22 9.48 16.39 1.90
C GLY D 22 8.75 16.61 3.21
N GLN D 23 9.33 17.44 4.06
CA GLN D 23 8.75 17.83 5.33
C GLN D 23 8.91 19.34 5.53
N ILE D 24 7.90 19.97 6.10
CA ILE D 24 7.99 21.39 6.46
C ILE D 24 7.27 21.60 7.78
N ASP D 25 7.96 22.20 8.75
CA ASP D 25 7.35 22.60 10.02
C ASP D 25 6.69 21.42 10.74
N THR D 26 7.45 20.33 10.87
CA THR D 26 7.06 19.06 11.49
C THR D 26 5.99 18.34 10.71
N SER D 27 5.90 18.59 9.41
CA SER D 27 4.78 18.13 8.59
C SER D 27 5.25 17.43 7.33
N PRO D 28 4.88 16.18 7.10
CA PRO D 28 4.99 15.60 5.76
C PRO D 28 4.18 16.41 4.76
N TYR D 29 4.66 16.47 3.53
CA TYR D 29 3.97 17.19 2.46
C TYR D 29 4.45 16.61 1.15
N PHE D 30 3.62 16.73 0.12
CA PHE D 30 4.01 16.35 -1.23
C PHE D 30 3.59 17.42 -2.22
N CYS D 31 4.22 17.38 -3.39
CA CYS D 31 4.01 18.36 -4.46
C CYS D 31 4.02 17.62 -5.78
N ILE D 32 3.13 18.01 -6.68
CA ILE D 32 3.11 17.44 -8.01
C ILE D 32 3.24 18.57 -9.03
N LYS D 33 3.72 18.22 -10.21
CA LYS D 33 3.64 19.09 -11.37
C LYS D 33 2.82 18.39 -12.46
N THR D 34 2.00 19.16 -13.18
CA THR D 34 1.20 18.58 -14.25
C THR D 34 1.37 19.39 -15.52
N VAL D 35 1.43 18.68 -16.64
CA VAL D 35 1.56 19.28 -17.95
C VAL D 35 0.41 18.77 -18.80
N LYS D 36 0.00 19.61 -19.75
CA LYS D 36 -1.08 19.23 -20.67
C LYS D 36 -0.67 17.97 -21.41
N ALA D 37 -1.61 17.03 -21.51
CA ALA D 37 -1.38 15.79 -22.26
C ALA D 37 -0.86 16.06 -23.66
N ASN D 38 -1.24 17.19 -24.27
CA ASN D 38 -0.72 17.56 -25.57
C ASN D 38 0.60 18.33 -25.48
N GLY D 39 1.01 18.72 -24.27
CA GLY D 39 2.28 19.40 -24.07
C GLY D 39 2.26 20.92 -24.19
N SER D 40 1.12 21.52 -24.50
CA SER D 40 1.01 22.97 -24.60
C SER D 40 0.64 23.57 -23.25
N GLY D 41 0.28 24.85 -23.22
CA GLY D 41 -0.11 25.49 -21.99
C GLY D 41 1.03 25.56 -20.97
N THR D 42 0.69 26.13 -19.77
CA THR D 42 1.61 26.34 -18.65
C THR D 42 1.43 25.25 -17.61
N PRO D 43 2.51 24.69 -17.08
CA PRO D 43 2.37 23.66 -16.04
C PRO D 43 1.64 24.18 -14.80
N VAL D 44 0.98 23.24 -14.11
CA VAL D 44 0.33 23.45 -12.83
C VAL D 44 1.14 22.71 -11.77
N VAL D 45 1.52 23.41 -10.70
CA VAL D 45 2.06 22.76 -9.50
C VAL D 45 1.09 22.99 -8.35
N ALA D 46 0.81 21.92 -7.61
CA ALA D 46 -0.07 21.94 -6.45
C ALA D 46 0.59 21.11 -5.36
N CYS D 47 0.14 21.31 -4.13
CA CYS D 47 0.81 20.76 -2.96
C CYS D 47 -0.21 20.46 -1.87
N ALA D 48 0.08 19.40 -1.12
CA ALA D 48 -0.67 19.06 0.08
C ALA D 48 0.29 18.92 1.25
N VAL D 49 -0.08 19.53 2.38
CA VAL D 49 0.68 19.47 3.62
C VAL D 49 -0.17 18.75 4.65
N SER D 50 0.42 17.72 5.31
CA SER D 50 -0.40 16.80 6.09
C SER D 50 -1.01 17.43 7.33
N LYS D 51 -0.47 18.53 7.84
CA LYS D 51 -1.02 19.13 9.05
C LYS D 51 -1.63 20.52 8.84
N GLN D 52 -1.71 21.02 7.61
CA GLN D 52 -2.05 22.42 7.39
C GLN D 52 -3.21 22.57 6.43
N SER D 53 -3.88 23.72 6.54
CA SER D 53 -5.00 24.12 5.69
C SER D 53 -6.20 23.22 5.89
N ILE D 54 -7.37 23.68 5.43
CA ILE D 54 -8.60 22.92 5.65
C ILE D 54 -8.53 21.55 4.99
N TRP D 55 -7.60 21.34 4.07
CA TRP D 55 -7.53 20.15 3.22
C TRP D 55 -6.63 19.06 3.78
N ALA D 56 -6.06 19.25 4.97
CA ALA D 56 -5.20 18.23 5.54
C ALA D 56 -5.86 16.86 5.76
N PRO D 57 -7.12 16.74 6.19
CA PRO D 57 -7.68 15.39 6.48
C PRO D 57 -7.77 14.44 5.27
N SER D 58 -7.48 14.92 4.06
CA SER D 58 -7.44 14.08 2.86
C SER D 58 -6.02 13.89 2.34
N PHE D 59 -5.02 14.23 3.16
CA PHE D 59 -3.64 14.23 2.71
C PHE D 59 -3.23 12.91 2.07
N LYS D 60 -3.51 11.80 2.76
CA LYS D 60 -2.92 10.54 2.33
C LYS D 60 -3.69 9.91 1.17
N GLU D 61 -5.00 10.13 1.09
CA GLU D 61 -5.75 9.67 -0.09
C GLU D 61 -5.25 10.37 -1.34
N LEU D 62 -5.02 11.69 -1.23
CA LEU D 62 -4.58 12.48 -2.37
C LEU D 62 -3.17 12.11 -2.79
N LEU D 63 -2.27 11.95 -1.81
CA LEU D 63 -0.96 11.36 -2.05
C LEU D 63 -1.07 10.00 -2.74
N ASP D 64 -1.91 9.12 -2.21
CA ASP D 64 -2.06 7.81 -2.82
C ASP D 64 -2.59 7.92 -4.25
N GLN D 65 -3.52 8.85 -4.48
CA GLN D 65 -4.04 9.00 -5.83
C GLN D 65 -3.04 9.68 -6.74
N ALA D 66 -2.37 10.71 -6.23
CA ALA D 66 -1.39 11.40 -7.05
C ALA D 66 -0.30 10.44 -7.49
N ARG D 67 0.10 9.54 -6.59
CA ARG D 67 1.08 8.52 -6.93
C ARG D 67 0.55 7.58 -8.03
N TYR D 68 -0.69 7.12 -7.92
CA TYR D 68 -1.22 6.20 -8.91
C TYR D 68 -1.33 6.87 -10.28
N PHE D 69 -1.90 8.08 -10.32
CA PHE D 69 -1.98 8.79 -11.59
C PHE D 69 -0.58 9.15 -12.11
N TYR D 70 0.40 9.26 -11.21
CA TYR D 70 1.77 9.54 -11.64
C TYR D 70 2.36 8.33 -12.35
N SER D 71 2.09 7.11 -11.87
CA SER D 71 2.74 5.96 -12.49
C SER D 71 2.09 5.61 -13.82
N THR D 72 0.75 5.67 -13.89
CA THR D 72 0.12 5.31 -15.15
C THR D 72 0.47 6.31 -16.25
N GLY D 73 0.66 7.58 -15.91
CA GLY D 73 0.75 8.61 -16.92
C GLY D 73 -0.56 8.94 -17.61
N GLN D 74 -1.71 8.64 -17.00
CA GLN D 74 -2.97 8.93 -17.68
C GLN D 74 -3.34 10.39 -17.50
N SER D 75 -4.32 10.81 -18.29
CA SER D 75 -4.78 12.19 -18.34
C SER D 75 -5.89 12.41 -17.32
N VAL D 76 -5.80 13.50 -16.58
CA VAL D 76 -6.56 13.69 -15.36
C VAL D 76 -6.95 15.16 -15.26
N ARG D 77 -7.99 15.41 -14.47
CA ARG D 77 -8.33 16.76 -14.08
C ARG D 77 -7.79 16.99 -12.69
N ILE D 78 -6.97 18.02 -12.52
CA ILE D 78 -6.41 18.37 -11.22
C ILE D 78 -7.15 19.59 -10.68
N HIS D 79 -7.49 19.53 -9.39
CA HIS D 79 -8.20 20.62 -8.71
C HIS D 79 -7.36 21.18 -7.58
N VAL D 80 -7.32 22.50 -7.51
CA VAL D 80 -6.49 23.21 -6.56
C VAL D 80 -7.33 24.29 -5.88
N GLN D 81 -6.84 24.77 -4.74
CA GLN D 81 -7.30 26.05 -4.20
C GLN D 81 -6.08 26.95 -4.14
N LYS D 82 -6.12 28.06 -4.89
CA LYS D 82 -4.94 28.91 -5.00
C LYS D 82 -4.79 29.81 -3.76
N ASN D 83 -3.57 30.35 -3.62
CA ASN D 83 -3.23 31.29 -2.55
C ASN D 83 -3.45 30.69 -1.16
N ILE D 84 -2.88 29.51 -0.94
CA ILE D 84 -3.02 28.81 0.33
C ILE D 84 -1.70 28.73 1.09
N TRP D 85 -0.63 28.24 0.45
CA TRP D 85 0.67 28.14 1.11
C TRP D 85 1.39 29.50 1.10
N THR D 86 2.05 29.80 2.21
CA THR D 86 2.47 31.17 2.48
C THR D 86 3.95 31.36 2.74
N TYR D 87 4.69 30.30 3.12
CA TYR D 87 6.14 30.36 3.31
C TYR D 87 6.81 30.71 1.99
N PRO D 88 7.30 31.95 1.83
CA PRO D 88 7.59 32.45 0.47
C PRO D 88 8.59 31.63 -0.31
N LEU D 89 9.57 31.00 0.36
CA LEU D 89 10.49 30.18 -0.42
C LEU D 89 9.91 28.80 -0.74
N PHE D 90 9.04 28.27 0.11
CA PHE D 90 8.21 27.15 -0.32
C PHE D 90 7.42 27.54 -1.56
N VAL D 91 6.69 28.66 -1.51
CA VAL D 91 5.85 29.06 -2.63
C VAL D 91 6.67 29.26 -3.90
N ASN D 92 7.81 29.95 -3.76
CA ASN D 92 8.67 30.19 -4.93
C ASN D 92 9.12 28.88 -5.57
N THR D 93 9.49 27.90 -4.74
CA THR D 93 9.94 26.62 -5.27
C THR D 93 8.81 25.86 -5.95
N PHE D 94 7.61 25.95 -5.39
CA PHE D 94 6.47 25.19 -5.88
C PHE D 94 5.32 26.15 -6.19
N SER D 95 4.22 26.10 -5.45
CA SER D 95 3.07 26.98 -5.68
C SER D 95 2.48 27.43 -4.35
N ALA D 96 1.49 28.30 -4.46
CA ALA D 96 0.57 28.56 -3.37
C ALA D 96 -0.67 27.69 -3.46
N ASN D 97 -0.78 26.85 -4.48
CA ASN D 97 -1.95 26.01 -4.64
C ASN D 97 -1.96 24.88 -3.62
N ALA D 98 -3.13 24.68 -3.01
CA ALA D 98 -3.46 23.45 -2.28
C ALA D 98 -4.07 22.45 -3.25
N LEU D 99 -3.54 21.24 -3.30
CA LEU D 99 -4.25 20.21 -4.02
C LEU D 99 -5.47 19.78 -3.23
N VAL D 100 -6.61 19.64 -3.90
CA VAL D 100 -7.84 19.31 -3.19
C VAL D 100 -8.65 18.31 -3.98
N GLY D 101 -8.09 17.77 -5.07
CA GLY D 101 -8.82 16.81 -5.86
C GLY D 101 -8.13 16.33 -7.13
N LEU D 102 -8.41 15.07 -7.50
CA LEU D 102 -7.90 14.46 -8.72
C LEU D 102 -8.99 13.59 -9.32
N SER D 103 -9.35 13.84 -10.58
CA SER D 103 -10.36 13.08 -11.31
C SER D 103 -9.72 12.43 -12.51
N SER D 104 -10.11 11.20 -12.85
CA SER D 104 -9.70 10.62 -14.12
C SER D 104 -10.44 11.32 -15.26
N CYS D 105 -9.81 11.34 -16.43
CA CYS D 105 -10.43 11.89 -17.61
C CYS D 105 -10.49 10.81 -18.66
N SER D 106 -11.66 10.65 -19.28
CA SER D 106 -11.79 9.96 -20.54
C SER D 106 -11.38 10.92 -21.66
N ALA D 107 -11.35 10.42 -22.89
CA ALA D 107 -11.17 11.35 -24.00
C ALA D 107 -12.39 12.26 -24.13
N THR D 108 -13.59 11.68 -23.97
CA THR D 108 -14.87 12.39 -23.80
C THR D 108 -14.76 13.56 -22.83
N GLN D 109 -14.66 13.25 -21.53
CA GLN D 109 -14.98 14.18 -20.45
C GLN D 109 -14.07 13.83 -19.28
N CYS D 110 -14.16 14.60 -18.21
CA CYS D 110 -13.49 14.20 -16.99
C CYS D 110 -14.50 13.94 -15.88
N PHE D 111 -14.15 12.96 -15.02
CA PHE D 111 -15.02 12.45 -13.97
C PHE D 111 -14.87 13.27 -12.69
N GLY D 112 -15.22 14.53 -12.78
CA GLY D 112 -15.14 15.37 -11.61
C GLY D 112 -16.00 16.59 -11.75
N PRO D 113 -16.08 17.34 -10.66
CA PRO D 113 -16.89 18.56 -10.66
C PRO D 113 -16.41 19.53 -11.73
N LYS D 114 -17.34 20.36 -12.20
CA LYS D 114 -17.07 21.34 -13.23
C LYS D 114 -17.34 22.74 -12.71
N GLU E 1 -26.50 -3.91 9.84
CA GLU E 1 -26.61 -3.76 8.40
C GLU E 1 -25.56 -4.59 7.68
N TRP E 2 -25.84 -4.89 6.41
CA TRP E 2 -24.97 -5.71 5.58
C TRP E 2 -25.04 -5.18 4.16
N THR E 3 -23.93 -5.36 3.42
CA THR E 3 -23.92 -5.06 2.00
C THR E 3 -25.05 -5.78 1.27
N GLY E 4 -25.27 -7.06 1.60
CA GLY E 4 -26.23 -7.89 0.90
C GLY E 4 -27.68 -7.73 1.28
N ASP E 5 -28.06 -6.71 2.05
CA ASP E 5 -29.47 -6.49 2.32
C ASP E 5 -30.20 -6.19 1.02
N ASN E 6 -31.40 -6.76 0.87
CA ASN E 6 -32.15 -6.43 -0.34
C ASN E 6 -32.64 -4.99 -0.35
N THR E 7 -32.26 -4.19 0.66
CA THR E 7 -32.49 -2.75 0.66
C THR E 7 -31.41 -2.00 -0.12
N ASN E 8 -30.40 -2.69 -0.63
CA ASN E 8 -29.33 -2.14 -1.45
C ASN E 8 -29.56 -2.53 -2.90
N ALA E 9 -28.85 -1.83 -3.80
CA ALA E 9 -28.89 -2.12 -5.24
C ALA E 9 -27.51 -2.56 -5.71
N TYR E 10 -27.49 -3.53 -6.63
CA TYR E 10 -26.26 -4.02 -7.23
C TYR E 10 -26.43 -4.20 -8.73
N TYR E 11 -25.28 -4.24 -9.42
CA TYR E 11 -25.19 -4.25 -10.87
C TYR E 11 -24.07 -5.17 -11.28
N SER E 12 -24.43 -6.21 -12.03
CA SER E 12 -23.47 -7.24 -12.38
C SER E 12 -22.65 -6.84 -13.60
N ASP E 13 -21.53 -7.54 -13.77
CA ASP E 13 -20.75 -7.50 -14.99
C ASP E 13 -20.42 -6.06 -15.41
N GLU E 14 -19.89 -5.32 -14.44
CA GLU E 14 -19.48 -3.94 -14.62
C GLU E 14 -17.96 -3.84 -14.70
N VAL E 15 -17.49 -2.81 -15.40
CA VAL E 15 -16.09 -2.40 -15.37
C VAL E 15 -16.02 -0.99 -14.82
N ILE E 16 -15.18 -0.78 -13.81
CA ILE E 16 -14.96 0.55 -13.25
C ILE E 16 -14.17 1.37 -14.25
N SER E 17 -14.78 2.44 -14.76
CA SER E 17 -14.23 3.19 -15.88
C SER E 17 -13.61 4.52 -15.51
N GLU E 18 -14.06 5.15 -14.44
CA GLU E 18 -13.47 6.40 -14.00
C GLU E 18 -13.35 6.40 -12.49
N LEU E 19 -12.52 7.32 -11.98
CA LEU E 19 -12.12 7.34 -10.59
C LEU E 19 -11.80 8.78 -10.19
N HIS E 20 -12.38 9.24 -9.10
CA HIS E 20 -12.16 10.58 -8.59
C HIS E 20 -12.05 10.49 -7.07
N VAL E 21 -11.15 11.29 -6.48
CA VAL E 21 -11.06 11.44 -5.03
C VAL E 21 -10.95 12.92 -4.72
N GLY E 22 -11.55 13.34 -3.61
CA GLY E 22 -11.64 14.74 -3.26
C GLY E 22 -12.01 14.93 -1.82
N GLN E 23 -12.35 16.16 -1.44
CA GLN E 23 -12.81 16.44 -0.08
C GLN E 23 -14.13 17.18 -0.08
N ILE E 24 -15.00 16.79 0.85
CA ILE E 24 -16.23 17.51 1.18
C ILE E 24 -16.42 17.53 2.70
N ASP E 25 -16.67 18.72 3.25
CA ASP E 25 -17.03 18.91 4.67
C ASP E 25 -16.08 18.19 5.63
N THR E 26 -14.79 18.49 5.47
CA THR E 26 -13.69 17.94 6.26
C THR E 26 -13.51 16.44 6.08
N SER E 27 -14.21 15.82 5.14
CA SER E 27 -14.11 14.38 4.95
C SER E 27 -13.47 14.10 3.60
N PRO E 28 -12.53 13.15 3.50
CA PRO E 28 -12.13 12.66 2.17
C PRO E 28 -13.19 11.72 1.61
N TYR E 29 -13.32 11.76 0.29
CA TYR E 29 -14.29 10.95 -0.43
C TYR E 29 -13.73 10.56 -1.78
N PHE E 30 -14.26 9.48 -2.32
CA PHE E 30 -13.94 9.06 -3.68
C PHE E 30 -15.23 8.62 -4.33
N CYS E 31 -15.24 8.66 -5.67
CA CYS E 31 -16.35 8.11 -6.46
C CYS E 31 -15.74 7.28 -7.57
N ILE E 32 -16.48 6.26 -8.00
CA ILE E 32 -16.14 5.50 -9.19
C ILE E 32 -17.26 5.62 -10.20
N LYS E 33 -16.92 5.37 -11.47
CA LYS E 33 -17.91 5.19 -12.52
C LYS E 33 -17.73 3.79 -13.06
N THR E 34 -18.84 3.05 -13.22
CA THR E 34 -18.80 1.77 -13.88
C THR E 34 -19.78 1.76 -15.06
N VAL E 35 -19.41 1.00 -16.09
CA VAL E 35 -20.19 0.79 -17.30
C VAL E 35 -20.21 -0.70 -17.57
N LYS E 36 -21.24 -1.17 -18.27
CA LYS E 36 -21.37 -2.60 -18.50
C LYS E 36 -20.22 -3.10 -19.35
N ALA E 37 -19.73 -4.29 -19.00
CA ALA E 37 -18.66 -4.92 -19.76
C ALA E 37 -19.09 -5.29 -21.18
N ASN E 38 -20.40 -5.31 -21.47
CA ASN E 38 -20.88 -5.66 -22.80
C ASN E 38 -21.50 -4.46 -23.52
N GLY E 39 -21.11 -3.24 -23.15
CA GLY E 39 -21.59 -2.04 -23.82
C GLY E 39 -23.00 -1.60 -23.51
N SER E 40 -23.84 -2.44 -22.90
CA SER E 40 -25.24 -2.11 -22.72
C SER E 40 -25.48 -1.18 -21.54
N GLY E 41 -26.75 -1.07 -21.12
CA GLY E 41 -27.28 -0.36 -19.99
C GLY E 41 -26.89 1.11 -19.98
N THR E 42 -26.83 1.67 -18.76
CA THR E 42 -26.44 3.03 -18.49
C THR E 42 -25.41 3.03 -17.34
N PRO E 43 -24.54 4.05 -17.26
CA PRO E 43 -23.50 4.02 -16.22
C PRO E 43 -24.05 4.18 -14.82
N VAL E 44 -23.34 3.59 -13.86
CA VAL E 44 -23.62 3.71 -12.44
C VAL E 44 -22.50 4.51 -11.79
N VAL E 45 -22.87 5.55 -11.05
CA VAL E 45 -21.94 6.34 -10.25
C VAL E 45 -22.24 6.10 -8.77
N ALA E 46 -21.19 5.76 -7.99
CA ALA E 46 -21.30 5.54 -6.55
C ALA E 46 -20.12 6.21 -5.84
N CYS E 47 -20.38 6.78 -4.67
CA CYS E 47 -19.36 7.40 -3.84
C CYS E 47 -19.34 6.78 -2.44
N ALA E 48 -18.30 7.18 -1.71
CA ALA E 48 -18.11 6.89 -0.30
C ALA E 48 -17.35 8.05 0.33
N VAL E 49 -17.85 8.57 1.43
CA VAL E 49 -17.26 9.72 2.08
C VAL E 49 -16.93 9.33 3.51
N SER E 50 -15.70 9.66 3.94
CA SER E 50 -15.03 8.81 4.92
C SER E 50 -15.70 8.84 6.31
N LYS E 51 -16.35 9.93 6.70
CA LYS E 51 -17.00 10.01 8.00
C LYS E 51 -18.48 10.31 7.87
N GLN E 52 -19.12 9.82 6.82
CA GLN E 52 -20.56 10.02 6.68
C GLN E 52 -21.21 8.72 6.20
N SER E 53 -22.52 8.62 6.40
CA SER E 53 -23.21 7.38 6.06
C SER E 53 -22.92 6.31 7.09
N ILE E 54 -23.76 5.27 7.12
CA ILE E 54 -23.44 4.10 7.93
C ILE E 54 -22.29 3.30 7.34
N TRP E 55 -21.87 3.61 6.12
CA TRP E 55 -20.82 2.84 5.46
C TRP E 55 -19.45 3.47 5.63
N ALA E 56 -19.36 4.57 6.39
CA ALA E 56 -18.06 5.17 6.71
C ALA E 56 -16.99 4.19 7.19
N PRO E 57 -17.25 3.22 8.09
CA PRO E 57 -16.17 2.30 8.50
C PRO E 57 -15.49 1.60 7.33
N SER E 58 -16.20 1.46 6.22
CA SER E 58 -15.71 0.73 5.05
C SER E 58 -14.85 1.57 4.13
N PHE E 59 -14.74 2.89 4.36
CA PHE E 59 -14.20 3.79 3.36
C PHE E 59 -12.85 3.31 2.79
N LYS E 60 -11.86 3.08 3.67
CA LYS E 60 -10.51 2.78 3.21
C LYS E 60 -10.45 1.44 2.48
N GLU E 61 -11.20 0.46 2.94
CA GLU E 61 -11.22 -0.83 2.25
C GLU E 61 -11.94 -0.71 0.90
N LEU E 62 -13.05 0.03 0.86
CA LEU E 62 -13.73 0.28 -0.41
C LEU E 62 -12.78 0.98 -1.40
N LEU E 63 -12.15 2.06 -0.94
CA LEU E 63 -11.28 2.84 -1.82
C LEU E 63 -10.17 1.97 -2.37
N ASP E 64 -9.47 1.27 -1.47
CA ASP E 64 -8.45 0.30 -1.86
C ASP E 64 -9.00 -0.75 -2.83
N GLN E 65 -10.19 -1.28 -2.57
CA GLN E 65 -10.66 -2.30 -3.50
C GLN E 65 -11.13 -1.70 -4.81
N ALA E 66 -11.71 -0.51 -4.77
CA ALA E 66 -12.00 0.22 -6.00
C ALA E 66 -10.73 0.42 -6.81
N ARG E 67 -9.66 0.88 -6.15
CA ARG E 67 -8.43 1.18 -6.86
C ARG E 67 -7.87 -0.08 -7.52
N TYR E 68 -7.93 -1.22 -6.84
CA TYR E 68 -7.42 -2.43 -7.43
C TYR E 68 -8.25 -2.83 -8.64
N PHE E 69 -9.55 -3.00 -8.45
CA PHE E 69 -10.41 -3.41 -9.56
C PHE E 69 -10.24 -2.49 -10.75
N TYR E 70 -10.18 -1.17 -10.48
CA TYR E 70 -9.99 -0.17 -11.53
C TYR E 70 -8.72 -0.40 -12.34
N SER E 71 -7.67 -0.93 -11.71
CA SER E 71 -6.42 -1.16 -12.41
C SER E 71 -6.43 -2.46 -13.20
N THR E 72 -7.14 -3.49 -12.73
CA THR E 72 -7.18 -4.71 -13.56
C THR E 72 -8.23 -4.63 -14.65
N GLY E 73 -9.29 -3.82 -14.46
CA GLY E 73 -10.34 -3.68 -15.44
C GLY E 73 -11.25 -4.89 -15.61
N GLN E 74 -11.33 -5.75 -14.60
CA GLN E 74 -12.06 -7.01 -14.71
C GLN E 74 -13.56 -6.78 -14.58
N SER E 75 -14.33 -7.86 -14.76
CA SER E 75 -15.77 -7.79 -14.56
C SER E 75 -16.07 -7.84 -13.06
N VAL E 76 -16.81 -6.85 -12.58
CA VAL E 76 -17.18 -6.78 -11.16
C VAL E 76 -18.67 -6.47 -11.01
N ARG E 77 -19.25 -6.98 -9.93
CA ARG E 77 -20.56 -6.54 -9.46
C ARG E 77 -20.35 -5.38 -8.49
N ILE E 78 -21.13 -4.33 -8.64
CA ILE E 78 -21.02 -3.14 -7.81
C ILE E 78 -22.28 -3.04 -6.94
N HIS E 79 -22.07 -2.81 -5.65
CA HIS E 79 -23.15 -2.72 -4.66
C HIS E 79 -23.28 -1.28 -4.15
N VAL E 80 -24.51 -0.79 -4.06
CA VAL E 80 -24.78 0.55 -3.55
C VAL E 80 -26.08 0.55 -2.76
N GLN E 81 -26.26 1.61 -1.99
CA GLN E 81 -27.54 1.95 -1.38
C GLN E 81 -27.94 3.33 -1.89
N LYS E 82 -29.10 3.42 -2.50
CA LYS E 82 -29.48 4.66 -3.16
C LYS E 82 -29.80 5.74 -2.15
N ASN E 83 -29.70 6.99 -2.61
CA ASN E 83 -30.38 8.12 -1.99
C ASN E 83 -29.76 8.48 -0.64
N ILE E 84 -28.44 8.49 -0.61
CA ILE E 84 -27.68 8.70 0.60
C ILE E 84 -27.07 10.09 0.65
N TRP E 85 -26.50 10.57 -0.46
CA TRP E 85 -25.84 11.87 -0.47
C TRP E 85 -26.86 12.96 -0.75
N THR E 86 -26.63 14.14 -0.14
CA THR E 86 -27.64 15.19 -0.09
C THR E 86 -27.16 16.56 -0.56
N TYR E 87 -25.86 16.83 -0.59
CA TYR E 87 -25.43 18.11 -1.14
C TYR E 87 -25.83 18.14 -2.60
N PRO E 88 -26.68 19.10 -3.02
CA PRO E 88 -27.22 19.05 -4.39
C PRO E 88 -26.18 19.13 -5.50
N LEU E 89 -25.19 20.03 -5.39
CA LEU E 89 -24.19 20.11 -6.46
C LEU E 89 -23.33 18.85 -6.52
N PHE E 90 -23.12 18.19 -5.37
CA PHE E 90 -22.34 16.95 -5.34
C PHE E 90 -23.08 15.82 -6.03
N VAL E 91 -24.36 15.62 -5.68
CA VAL E 91 -25.15 14.57 -6.32
C VAL E 91 -25.38 14.90 -7.79
N ASN E 92 -25.33 16.19 -8.13
CA ASN E 92 -25.40 16.61 -9.53
C ASN E 92 -24.19 16.13 -10.31
N THR E 93 -22.99 16.47 -9.83
CA THR E 93 -21.75 15.97 -10.45
C THR E 93 -21.74 14.45 -10.49
N PHE E 94 -21.97 13.80 -9.35
CA PHE E 94 -21.81 12.37 -9.23
C PHE E 94 -23.16 11.76 -9.13
N SER E 95 -23.65 11.38 -7.94
CA SER E 95 -24.96 10.80 -7.71
C SER E 95 -25.15 10.61 -6.21
N ALA E 96 -26.30 10.10 -5.78
CA ALA E 96 -26.60 9.94 -4.37
C ALA E 96 -26.36 8.51 -3.89
N ASN E 97 -25.74 7.68 -4.73
CA ASN E 97 -25.47 6.31 -4.36
C ASN E 97 -24.27 6.25 -3.42
N ALA E 98 -24.38 5.40 -2.41
CA ALA E 98 -23.30 5.12 -1.49
C ALA E 98 -22.69 3.78 -1.88
N LEU E 99 -21.39 3.75 -2.11
CA LEU E 99 -20.76 2.47 -2.42
C LEU E 99 -20.75 1.60 -1.18
N VAL E 100 -21.15 0.34 -1.33
CA VAL E 100 -21.32 -0.51 -0.15
C VAL E 100 -20.70 -1.87 -0.37
N GLY E 101 -20.31 -2.18 -1.60
CA GLY E 101 -19.74 -3.49 -1.87
C GLY E 101 -19.18 -3.62 -3.27
N LEU E 102 -18.18 -4.50 -3.42
CA LEU E 102 -17.63 -4.84 -4.72
C LEU E 102 -17.40 -6.34 -4.76
N SER E 103 -17.74 -6.96 -5.89
CA SER E 103 -17.58 -8.40 -6.03
C SER E 103 -16.98 -8.68 -7.39
N SER E 104 -15.96 -9.55 -7.44
CA SER E 104 -15.45 -10.00 -8.73
C SER E 104 -16.43 -10.96 -9.38
N CYS E 105 -16.63 -10.82 -10.68
CA CYS E 105 -17.59 -11.62 -11.42
C CYS E 105 -16.86 -12.44 -12.47
N SER E 106 -16.99 -13.78 -12.36
CA SER E 106 -16.61 -14.65 -13.48
C SER E 106 -17.61 -14.44 -14.62
N ALA E 107 -17.38 -15.09 -15.76
CA ALA E 107 -18.33 -15.00 -16.86
C ALA E 107 -19.66 -15.67 -16.54
N THR E 108 -19.70 -16.59 -15.57
CA THR E 108 -20.94 -17.29 -15.26
C THR E 108 -21.66 -16.73 -14.02
N GLN E 109 -20.94 -16.49 -12.92
CA GLN E 109 -21.54 -16.07 -11.67
C GLN E 109 -20.74 -14.88 -11.13
N CYS E 110 -21.35 -14.15 -10.21
CA CYS E 110 -20.64 -13.13 -9.46
C CYS E 110 -20.41 -13.63 -8.05
N PHE E 111 -19.36 -13.13 -7.39
CA PHE E 111 -19.01 -13.56 -6.05
C PHE E 111 -19.41 -12.49 -5.02
N GLY E 112 -20.73 -12.39 -4.81
CA GLY E 112 -21.27 -11.48 -3.84
C GLY E 112 -22.70 -11.83 -3.48
N PRO E 113 -23.33 -11.01 -2.64
CA PRO E 113 -24.75 -11.22 -2.34
C PRO E 113 -25.58 -11.04 -3.58
N LYS E 114 -26.70 -11.75 -3.64
CA LYS E 114 -27.58 -11.73 -4.79
C LYS E 114 -29.05 -11.80 -4.35
#